data_8VJ1
#
_entry.id   8VJ1
#
_cell.length_a   114.583
_cell.length_b   114.583
_cell.length_c   114.583
_cell.angle_alpha   90.000
_cell.angle_beta   90.000
_cell.angle_gamma   90.000
#
_symmetry.space_group_name_H-M   'P 43 3 2'
#
loop_
_entity.id
_entity.type
_entity.pdbx_description
1 polymer 'Telomere resolvase ResT'
2 water water
#
_entity_poly.entity_id   1
_entity_poly.type   'polypeptide(L)'
_entity_poly.pdbx_seq_one_letter_code
;TYSTLT(MSE)DRLESLIKEHSIIDDNYIKTLLVIKNL(MSE)LKDNLDTLA(MSE)VRGLNVKIRKAFKATYGYNYNYI
KLTEYLSIIF
;
_entity_poly.pdbx_strand_id   A,B,C
#
# COMPACT_ATOMS: atom_id res chain seq x y z
N THR A 4 20.77 0.85 -17.56
CA THR A 4 21.14 1.91 -16.61
C THR A 4 20.19 1.98 -15.40
N LEU A 5 20.68 2.59 -14.32
CA LEU A 5 19.91 2.72 -13.09
C LEU A 5 19.90 4.19 -12.68
N THR A 6 18.73 4.82 -12.71
CA THR A 6 18.64 6.18 -12.21
C THR A 6 18.47 6.20 -10.70
N MSE A 7 18.79 7.35 -10.11
CA MSE A 7 18.69 7.52 -8.66
C MSE A 7 17.27 7.29 -8.16
O MSE A 7 17.07 6.74 -7.07
CB MSE A 7 19.14 8.92 -8.27
CG MSE A 7 19.07 9.18 -6.78
SE MSE A 7 20.09 7.85 -5.77
CE MSE A 7 21.91 8.46 -6.10
N ASP A 8 16.28 7.72 -8.94
CA ASP A 8 14.92 7.62 -8.46
C ASP A 8 14.36 6.21 -8.57
N ARG A 9 14.84 5.42 -9.52
CA ARG A 9 14.48 4.02 -9.45
C ARG A 9 15.23 3.31 -8.32
N LEU A 10 16.44 3.76 -8.00
CA LEU A 10 17.14 3.19 -6.84
C LEU A 10 16.40 3.50 -5.55
N GLU A 11 16.11 4.77 -5.30
CA GLU A 11 15.31 5.15 -4.13
C GLU A 11 14.01 4.34 -4.06
N SER A 12 13.34 4.19 -5.20
CA SER A 12 12.13 3.39 -5.24
C SER A 12 12.41 1.94 -4.89
N LEU A 13 13.55 1.40 -5.36
CA LEU A 13 13.92 0.03 -5.03
C LEU A 13 14.19 -0.12 -3.55
N ILE A 14 14.72 0.95 -2.92
CA ILE A 14 15.05 0.93 -1.50
C ILE A 14 13.77 0.92 -0.67
N LYS A 15 12.80 1.76 -1.01
CA LYS A 15 11.56 1.73 -0.25
C LYS A 15 10.80 0.42 -0.48
N GLU A 16 10.80 -0.07 -1.72
CA GLU A 16 10.08 -1.29 -2.07
C GLU A 16 10.59 -2.48 -1.26
N HIS A 17 11.90 -2.52 -0.99
CA HIS A 17 12.46 -3.67 -0.28
C HIS A 17 11.71 -3.93 1.02
N SER A 18 11.35 -2.86 1.74
CA SER A 18 10.68 -3.02 3.03
C SER A 18 9.32 -3.70 2.93
N ILE A 19 8.71 -3.78 1.76
CA ILE A 19 7.46 -4.54 1.69
C ILE A 19 7.62 -5.86 0.94
N ILE A 20 8.84 -6.24 0.58
CA ILE A 20 9.07 -7.58 0.04
C ILE A 20 9.21 -8.51 1.23
N ASP A 21 8.10 -8.77 1.91
CA ASP A 21 8.17 -9.37 3.24
C ASP A 21 7.35 -10.65 3.29
N ASP A 22 7.18 -11.20 4.50
CA ASP A 22 6.52 -12.51 4.64
C ASP A 22 5.11 -12.49 4.07
N ASN A 23 4.34 -11.44 4.34
CA ASN A 23 2.97 -11.45 3.88
C ASN A 23 2.86 -11.11 2.40
N TYR A 24 3.92 -10.54 1.83
CA TYR A 24 3.98 -10.34 0.38
C TYR A 24 4.11 -11.67 -0.36
N ILE A 25 5.10 -12.49 0.02
CA ILE A 25 5.25 -13.76 -0.69
C ILE A 25 4.04 -14.66 -0.43
N LYS A 26 3.44 -14.61 0.77
CA LYS A 26 2.23 -15.39 1.02
C LYS A 26 1.07 -14.90 0.16
N THR A 27 0.98 -13.58 -0.05
CA THR A 27 -0.01 -13.03 -0.96
C THR A 27 0.24 -13.47 -2.39
N LEU A 28 1.51 -13.51 -2.82
CA LEU A 28 1.78 -13.94 -4.18
C LEU A 28 1.39 -15.39 -4.38
N LEU A 29 1.54 -16.23 -3.35
CA LEU A 29 1.24 -17.65 -3.48
C LEU A 29 -0.26 -17.90 -3.43
N VAL A 30 -0.98 -17.07 -2.67
CA VAL A 30 -2.43 -17.13 -2.71
C VAL A 30 -2.93 -16.75 -4.10
N ILE A 31 -2.36 -15.71 -4.70
CA ILE A 31 -2.76 -15.32 -6.05
C ILE A 31 -2.41 -16.42 -7.04
N LYS A 32 -1.24 -17.03 -6.88
CA LYS A 32 -0.88 -18.13 -7.76
C LYS A 32 -1.87 -19.27 -7.65
N ASN A 33 -2.31 -19.58 -6.44
CA ASN A 33 -3.27 -20.65 -6.30
C ASN A 33 -4.64 -20.26 -6.84
N LEU A 34 -5.00 -18.97 -6.80
CA LEU A 34 -6.26 -18.56 -7.41
C LEU A 34 -6.22 -18.76 -8.92
N MSE A 35 -5.10 -18.40 -9.55
CA MSE A 35 -4.95 -18.56 -11.00
C MSE A 35 -4.97 -20.03 -11.38
O MSE A 35 -5.57 -20.44 -12.39
CB MSE A 35 -3.64 -17.92 -11.50
CG MSE A 35 -3.61 -16.41 -11.37
SE MSE A 35 -2.07 -15.54 -12.25
CE MSE A 35 -2.55 -15.75 -14.14
N LEU A 36 -4.27 -20.82 -10.55
CA LEU A 36 -4.18 -22.27 -10.76
C LEU A 36 -5.54 -22.94 -10.61
N LYS A 37 -6.23 -22.67 -9.51
CA LYS A 37 -7.55 -23.22 -9.27
C LYS A 37 -8.49 -22.96 -10.45
N ASP A 38 -8.40 -21.78 -11.06
CA ASP A 38 -9.31 -21.40 -12.14
C ASP A 38 -8.68 -21.58 -13.52
N ASN A 39 -7.44 -22.07 -13.60
CA ASN A 39 -6.78 -22.29 -14.88
C ASN A 39 -6.64 -21.00 -15.69
N LEU A 40 -6.35 -19.89 -15.01
CA LEU A 40 -6.25 -18.59 -15.65
C LEU A 40 -4.93 -18.42 -16.40
N ASP A 41 -5.03 -17.94 -17.63
CA ASP A 41 -3.86 -17.42 -18.33
C ASP A 41 -3.53 -15.99 -17.87
N THR A 42 -4.54 -15.20 -17.52
CA THR A 42 -4.34 -13.84 -17.06
C THR A 42 -5.24 -13.59 -15.87
N LEU A 43 -4.74 -12.78 -14.94
CA LEU A 43 -5.50 -12.28 -13.81
C LEU A 43 -5.65 -10.78 -13.96
N ALA A 44 -6.87 -10.29 -13.84
CA ALA A 44 -7.20 -8.89 -14.07
C ALA A 44 -7.52 -8.20 -12.75
N MSE A 45 -7.08 -6.95 -12.61
CA MSE A 45 -7.44 -6.17 -11.44
C MSE A 45 -8.89 -5.70 -11.56
O MSE A 45 -9.14 -4.67 -12.19
CB MSE A 45 -6.50 -4.97 -11.28
CG MSE A 45 -6.83 -4.06 -10.11
SE MSE A 45 -7.31 -5.06 -8.50
CE MSE A 45 -5.57 -5.86 -8.16
N VAL A 46 -9.85 -6.44 -11.01
CA VAL A 46 -11.25 -6.14 -11.22
C VAL A 46 -11.95 -6.08 -9.88
N ARG A 47 -13.23 -5.68 -9.93
CA ARG A 47 -14.04 -5.58 -8.72
C ARG A 47 -14.15 -6.92 -8.03
N GLY A 48 -13.97 -6.94 -6.71
CA GLY A 48 -14.10 -8.14 -5.94
C GLY A 48 -12.83 -8.96 -5.78
N LEU A 49 -11.78 -8.69 -6.57
CA LEU A 49 -10.55 -9.46 -6.44
C LEU A 49 -9.91 -9.26 -5.07
N ASN A 50 -9.92 -8.03 -4.57
CA ASN A 50 -9.34 -7.77 -3.26
C ASN A 50 -10.00 -8.61 -2.17
N VAL A 51 -11.31 -8.83 -2.28
CA VAL A 51 -12.02 -9.66 -1.30
C VAL A 51 -11.71 -11.13 -1.51
N LYS A 52 -11.63 -11.59 -2.76
CA LYS A 52 -11.29 -12.99 -3.00
C LYS A 52 -9.90 -13.31 -2.50
N ILE A 53 -8.97 -12.36 -2.56
CA ILE A 53 -7.61 -12.57 -2.06
C ILE A 53 -7.63 -12.64 -0.55
N ARG A 54 -8.38 -11.73 0.08
CA ARG A 54 -8.42 -11.66 1.53
C ARG A 54 -9.05 -12.92 2.13
N LYS A 55 -10.15 -13.38 1.55
CA LYS A 55 -10.75 -14.63 2.00
C LYS A 55 -9.77 -15.79 1.88
N ALA A 56 -9.14 -15.93 0.71
CA ALA A 56 -8.27 -17.08 0.50
C ALA A 56 -7.05 -17.01 1.40
N PHE A 57 -6.51 -15.80 1.62
CA PHE A 57 -5.38 -15.67 2.54
C PHE A 57 -5.79 -16.08 3.95
N LYS A 58 -6.97 -15.65 4.40
CA LYS A 58 -7.42 -15.99 5.75
C LYS A 58 -7.63 -17.50 5.90
N ALA A 59 -8.18 -18.14 4.87
CA ALA A 59 -8.36 -19.59 4.87
C ALA A 59 -7.05 -20.35 4.72
N THR A 60 -6.04 -19.77 4.05
CA THR A 60 -4.77 -20.48 3.91
C THR A 60 -3.88 -20.35 5.16
N TYR A 61 -3.89 -19.17 5.82
CA TYR A 61 -2.89 -18.90 6.86
C TYR A 61 -3.46 -18.63 8.24
N GLY A 62 -4.78 -18.44 8.39
CA GLY A 62 -5.38 -18.29 9.70
C GLY A 62 -5.52 -16.88 10.21
N TYR A 63 -5.02 -15.88 9.47
CA TYR A 63 -5.09 -14.50 9.92
C TYR A 63 -5.15 -13.63 8.67
N ASN A 64 -5.45 -12.35 8.86
CA ASN A 64 -5.39 -11.34 7.80
C ASN A 64 -4.46 -10.20 8.25
N TYR A 65 -3.80 -9.57 7.29
CA TYR A 65 -3.06 -8.34 7.56
C TYR A 65 -3.94 -7.14 7.22
N ASN A 66 -3.49 -5.94 7.57
CA ASN A 66 -4.42 -4.82 7.47
C ASN A 66 -4.70 -4.45 6.02
N TYR A 67 -5.89 -3.87 5.79
CA TYR A 67 -6.41 -3.63 4.45
C TYR A 67 -5.43 -2.85 3.57
N ILE A 68 -4.86 -1.77 4.12
CA ILE A 68 -4.07 -0.86 3.30
C ILE A 68 -2.80 -1.54 2.81
N LYS A 69 -2.28 -2.49 3.58
CA LYS A 69 -1.11 -3.28 3.16
C LYS A 69 -1.36 -3.98 1.83
N LEU A 70 -2.57 -4.54 1.64
CA LEU A 70 -2.90 -5.17 0.36
C LEU A 70 -2.73 -4.18 -0.79
N THR A 71 -3.13 -2.92 -0.57
CA THR A 71 -3.00 -1.90 -1.60
C THR A 71 -1.53 -1.66 -1.96
N GLU A 72 -0.65 -1.62 -0.96
CA GLU A 72 0.78 -1.50 -1.26
C GLU A 72 1.29 -2.73 -2.03
N TYR A 73 0.84 -3.93 -1.66
CA TYR A 73 1.24 -5.13 -2.40
C TYR A 73 0.74 -5.09 -3.84
N LEU A 74 -0.54 -4.73 -4.04
CA LEU A 74 -1.10 -4.72 -5.38
C LEU A 74 -0.41 -3.70 -6.27
N SER A 75 0.02 -2.57 -5.71
CA SER A 75 0.63 -1.53 -6.53
C SER A 75 1.98 -1.96 -7.11
N ILE A 76 2.61 -2.99 -6.55
CA ILE A 76 3.81 -3.51 -7.18
C ILE A 76 3.57 -4.83 -7.91
N ILE A 77 2.46 -5.50 -7.67
CA ILE A 77 2.17 -6.71 -8.41
C ILE A 77 1.55 -6.39 -9.75
N PHE A 78 0.64 -5.42 -9.79
CA PHE A 78 -0.06 -5.05 -11.00
C PHE A 78 0.51 -3.78 -11.62
N SER B 3 -3.23 -22.72 32.84
CA SER B 3 -2.32 -22.14 31.85
C SER B 3 -2.72 -22.60 30.43
N THR B 4 -3.37 -21.69 29.71
CA THR B 4 -4.23 -22.03 28.58
C THR B 4 -3.87 -21.21 27.35
N LEU B 5 -4.14 -21.78 26.18
CA LEU B 5 -3.97 -21.08 24.91
C LEU B 5 -5.21 -21.30 24.07
N THR B 6 -5.80 -20.22 23.58
CA THR B 6 -6.89 -20.33 22.63
C THR B 6 -6.38 -20.24 21.19
N MSE B 7 -7.23 -20.64 20.26
CA MSE B 7 -6.92 -20.50 18.84
C MSE B 7 -6.85 -19.02 18.42
O MSE B 7 -6.02 -18.67 17.58
CB MSE B 7 -7.96 -21.26 17.99
CG MSE B 7 -7.71 -21.21 16.49
SE MSE B 7 -6.05 -22.14 15.88
CE MSE B 7 -6.49 -23.97 16.46
N ASP B 8 -7.69 -18.16 19.00
CA ASP B 8 -7.60 -16.73 18.72
C ASP B 8 -6.21 -16.20 19.03
N ARG B 9 -5.69 -16.46 20.23
CA ARG B 9 -4.36 -15.98 20.60
C ARG B 9 -3.29 -16.64 19.73
N LEU B 10 -3.47 -17.91 19.36
CA LEU B 10 -2.51 -18.58 18.49
C LEU B 10 -2.44 -17.92 17.11
N GLU B 11 -3.59 -17.62 16.50
CA GLU B 11 -3.54 -16.96 15.21
C GLU B 11 -2.92 -15.58 15.32
N SER B 12 -3.13 -14.93 16.45
CA SER B 12 -2.57 -13.60 16.61
C SER B 12 -1.05 -13.65 16.79
N LEU B 13 -0.54 -14.69 17.46
CA LEU B 13 0.90 -14.87 17.56
C LEU B 13 1.52 -15.19 16.21
N ILE B 14 0.81 -15.99 15.41
CA ILE B 14 1.30 -16.34 14.07
C ILE B 14 1.33 -15.11 13.19
N LYS B 15 0.32 -14.24 13.31
CA LYS B 15 0.32 -13.00 12.55
C LYS B 15 1.48 -12.11 12.96
N GLU B 16 1.75 -11.99 14.26
CA GLU B 16 2.83 -11.11 14.71
C GLU B 16 4.18 -11.60 14.21
N HIS B 17 4.37 -12.92 14.14
CA HIS B 17 5.61 -13.43 13.55
C HIS B 17 5.80 -12.95 12.13
N SER B 18 4.72 -12.94 11.32
CA SER B 18 4.81 -12.56 9.92
C SER B 18 5.10 -11.07 9.73
N ILE B 19 4.84 -10.26 10.74
CA ILE B 19 5.15 -8.84 10.69
C ILE B 19 6.58 -8.56 11.10
N ILE B 20 7.07 -9.29 12.11
CA ILE B 20 8.33 -8.94 12.75
C ILE B 20 9.45 -9.29 11.80
N ASP B 21 10.30 -8.31 11.47
CA ASP B 21 11.46 -8.49 10.59
C ASP B 21 12.60 -7.58 11.07
N ASP B 22 13.66 -7.49 10.27
CA ASP B 22 14.83 -6.70 10.63
C ASP B 22 14.47 -5.22 10.84
N ASN B 23 13.57 -4.68 10.02
CA ASN B 23 13.22 -3.28 10.20
C ASN B 23 12.47 -3.06 11.51
N TYR B 24 11.81 -4.10 12.01
CA TYR B 24 11.11 -3.99 13.28
C TYR B 24 12.10 -3.90 14.45
N ILE B 25 13.15 -4.72 14.46
CA ILE B 25 14.11 -4.61 15.55
C ILE B 25 14.83 -3.27 15.48
N LYS B 26 15.15 -2.80 14.27
CA LYS B 26 15.73 -1.47 14.11
C LYS B 26 14.81 -0.40 14.68
N THR B 27 13.50 -0.54 14.45
CA THR B 27 12.58 0.45 14.97
C THR B 27 12.52 0.41 16.49
N LEU B 28 12.60 -0.78 17.07
CA LEU B 28 12.61 -0.88 18.52
C LEU B 28 13.80 -0.14 19.13
N LEU B 29 14.94 -0.15 18.44
CA LEU B 29 16.14 0.52 18.91
C LEU B 29 16.05 2.02 18.69
N VAL B 30 15.44 2.45 17.59
CA VAL B 30 15.20 3.86 17.38
C VAL B 30 14.28 4.40 18.47
N ILE B 31 13.21 3.65 18.80
CA ILE B 31 12.27 4.09 19.83
C ILE B 31 12.96 4.15 21.17
N LYS B 32 13.81 3.18 21.47
CA LYS B 32 14.56 3.21 22.71
C LYS B 32 15.39 4.48 22.80
N ASN B 33 16.10 4.81 21.73
CA ASN B 33 17.02 5.93 21.77
C ASN B 33 16.29 7.26 21.91
N LEU B 34 15.07 7.37 21.39
CA LEU B 34 14.29 8.60 21.61
C LEU B 34 13.80 8.70 23.05
N MSE B 35 13.56 7.56 23.70
CA MSE B 35 13.14 7.54 25.10
C MSE B 35 14.25 7.93 26.07
O MSE B 35 13.98 8.55 27.11
CB MSE B 35 12.60 6.16 25.46
CG MSE B 35 11.36 5.80 24.70
SE MSE B 35 10.49 4.25 25.45
CE MSE B 35 10.07 4.95 27.23
N LEU B 36 15.48 7.55 25.73
CA LEU B 36 16.63 7.94 26.57
C LEU B 36 16.91 9.42 26.46
N LYS B 37 17.09 9.92 25.24
CA LYS B 37 17.39 11.32 24.96
C LYS B 37 16.56 12.26 25.83
N ASP B 38 15.27 11.95 26.03
CA ASP B 38 14.41 12.76 26.88
C ASP B 38 14.00 12.06 28.16
N ASN B 39 14.82 11.14 28.65
CA ASN B 39 14.66 10.49 29.96
C ASN B 39 13.18 10.17 30.27
N LEU B 40 12.62 9.28 29.45
CA LEU B 40 11.27 8.79 29.66
C LEU B 40 11.32 7.38 30.23
N ASP B 41 10.65 7.15 31.35
CA ASP B 41 10.44 5.79 31.81
C ASP B 41 9.30 5.11 31.07
N THR B 42 8.38 5.91 30.52
CA THR B 42 7.21 5.42 29.81
C THR B 42 6.92 6.37 28.65
N LEU B 43 6.21 5.86 27.65
CA LEU B 43 5.97 6.62 26.42
C LEU B 43 4.58 6.33 25.89
N ALA B 44 3.83 7.37 25.59
CA ALA B 44 2.47 7.22 25.08
C ALA B 44 2.47 7.43 23.57
N MSE B 45 1.44 6.91 22.92
CA MSE B 45 1.37 7.06 21.48
C MSE B 45 0.76 8.40 21.12
O MSE B 45 -0.44 8.51 20.84
CB MSE B 45 0.58 5.93 20.81
CG MSE B 45 0.80 5.88 19.28
SE MSE B 45 0.65 4.10 18.51
CE MSE B 45 -1.17 3.61 19.02
N VAL B 46 1.61 9.43 21.11
CA VAL B 46 1.16 10.75 20.73
C VAL B 46 1.15 10.88 19.21
N ARG B 47 0.32 11.81 18.73
CA ARG B 47 0.33 12.15 17.31
C ARG B 47 1.74 12.55 16.89
N GLY B 48 2.08 12.21 15.65
CA GLY B 48 3.41 12.52 15.18
C GLY B 48 4.54 11.73 15.81
N LEU B 49 4.25 10.84 16.77
CA LEU B 49 5.25 9.88 17.20
C LEU B 49 5.74 9.06 16.01
N ASN B 50 4.80 8.57 15.19
CA ASN B 50 5.17 7.88 13.97
C ASN B 50 6.08 8.72 13.10
N VAL B 51 5.89 10.04 13.11
CA VAL B 51 6.78 10.93 12.33
C VAL B 51 8.12 11.10 13.03
N LYS B 52 8.13 11.16 14.37
CA LYS B 52 9.39 11.24 15.08
C LYS B 52 10.22 9.98 14.85
N ILE B 53 9.58 8.81 14.91
CA ILE B 53 10.27 7.54 14.67
C ILE B 53 10.87 7.53 13.27
N ARG B 54 10.11 7.99 12.28
CA ARG B 54 10.56 7.84 10.90
C ARG B 54 11.77 8.73 10.63
N LYS B 55 11.70 10.00 11.02
CA LYS B 55 12.83 10.90 10.78
C LYS B 55 14.03 10.46 11.58
N ALA B 56 13.80 9.92 12.78
CA ALA B 56 14.90 9.38 13.57
C ALA B 56 15.47 8.12 12.92
N PHE B 57 14.60 7.26 12.38
CA PHE B 57 15.09 6.07 11.67
C PHE B 57 16.00 6.48 10.51
N LYS B 58 15.52 7.40 9.69
CA LYS B 58 16.33 7.89 8.57
C LYS B 58 17.64 8.46 9.06
N ALA B 59 17.63 9.11 10.23
CA ALA B 59 18.83 9.72 10.78
C ALA B 59 19.83 8.68 11.27
N THR B 60 19.36 7.46 11.59
CA THR B 60 20.25 6.40 12.08
C THR B 60 20.79 5.52 10.95
N TYR B 61 19.94 5.06 10.04
CA TYR B 61 20.36 4.07 9.05
C TYR B 61 20.53 4.64 7.65
N GLY B 62 20.08 5.86 7.38
CA GLY B 62 20.31 6.51 6.11
C GLY B 62 19.25 6.27 5.06
N TYR B 63 18.11 5.70 5.43
CA TYR B 63 17.04 5.46 4.47
C TYR B 63 15.75 5.26 5.26
N ASN B 64 14.66 5.13 4.54
CA ASN B 64 13.36 4.90 5.16
C ASN B 64 12.77 3.61 4.63
N TYR B 65 11.81 3.10 5.39
CA TYR B 65 10.97 2.03 4.89
C TYR B 65 9.56 2.55 4.66
N ASN B 66 8.77 1.74 3.96
CA ASN B 66 7.37 2.06 3.69
C ASN B 66 6.59 2.30 4.99
N TYR B 67 5.86 3.42 5.04
CA TYR B 67 5.21 3.87 6.27
C TYR B 67 4.19 2.85 6.79
N ILE B 68 3.60 2.04 5.91
CA ILE B 68 2.62 1.06 6.38
C ILE B 68 3.28 0.04 7.30
N LYS B 69 4.57 -0.24 7.11
CA LYS B 69 5.27 -1.15 8.01
C LYS B 69 5.29 -0.64 9.44
N LEU B 70 5.47 0.68 9.62
CA LEU B 70 5.49 1.23 10.98
C LEU B 70 4.14 1.08 11.64
N THR B 71 3.06 1.28 10.88
CA THR B 71 1.73 1.05 11.41
C THR B 71 1.62 -0.36 11.98
N GLU B 72 2.09 -1.35 11.22
CA GLU B 72 2.04 -2.74 11.69
C GLU B 72 2.91 -2.93 12.92
N TYR B 73 4.15 -2.42 12.89
CA TYR B 73 5.01 -2.56 14.05
C TYR B 73 4.37 -1.96 15.30
N LEU B 74 3.72 -0.81 15.15
CA LEU B 74 3.16 -0.13 16.31
C LEU B 74 1.93 -0.83 16.84
N SER B 75 1.16 -1.44 15.96
CA SER B 75 0.06 -2.31 16.39
C SER B 75 0.58 -3.44 17.28
N ILE B 76 1.85 -3.81 17.13
CA ILE B 76 2.47 -4.77 18.04
C ILE B 76 3.06 -4.09 19.26
N ILE B 77 3.77 -2.98 19.05
CA ILE B 77 4.47 -2.33 20.14
C ILE B 77 3.48 -1.76 21.16
N PHE B 78 2.38 -1.18 20.70
CA PHE B 78 1.43 -0.48 21.58
C PHE B 78 0.10 -1.24 21.74
N SER C 3 -17.77 10.87 -34.20
CA SER C 3 -18.36 10.67 -35.53
C SER C 3 -19.49 9.65 -35.53
N THR C 4 -19.22 8.49 -34.94
CA THR C 4 -20.18 7.40 -34.90
C THR C 4 -20.12 6.76 -33.52
N LEU C 5 -21.26 6.26 -33.07
CA LEU C 5 -21.36 5.64 -31.75
C LEU C 5 -21.62 4.16 -31.97
N THR C 6 -20.66 3.34 -31.59
CA THR C 6 -20.85 1.90 -31.58
C THR C 6 -21.49 1.48 -30.26
N MSE C 7 -22.21 0.37 -30.30
CA MSE C 7 -22.88 -0.18 -29.11
C MSE C 7 -21.89 -0.67 -28.03
O MSE C 7 -22.22 -0.65 -26.84
CB MSE C 7 -23.81 -1.32 -29.52
CG MSE C 7 -24.48 -2.08 -28.39
SE MSE C 7 -26.00 -1.18 -27.49
CE MSE C 7 -27.27 -1.07 -28.96
N ASP C 8 -20.69 -1.07 -28.44
CA ASP C 8 -19.68 -1.40 -27.44
C ASP C 8 -19.17 -0.15 -26.75
N ARG C 9 -19.09 0.96 -27.47
CA ARG C 9 -18.68 2.22 -26.88
C ARG C 9 -19.77 2.79 -25.98
N LEU C 10 -21.04 2.73 -26.43
CA LEU C 10 -22.13 3.20 -25.58
C LEU C 10 -22.16 2.44 -24.27
N GLU C 11 -21.98 1.12 -24.33
CA GLU C 11 -21.92 0.31 -23.12
C GLU C 11 -20.78 0.78 -22.22
N SER C 12 -19.64 1.11 -22.81
CA SER C 12 -18.51 1.61 -22.04
C SER C 12 -18.77 3.00 -21.48
N LEU C 13 -19.54 3.84 -22.20
CA LEU C 13 -19.94 5.13 -21.63
C LEU C 13 -20.85 4.93 -20.43
N ILE C 14 -21.72 3.92 -20.49
CA ILE C 14 -22.59 3.62 -19.35
C ILE C 14 -21.77 3.15 -18.16
N LYS C 15 -20.78 2.29 -18.40
CA LYS C 15 -19.93 1.81 -17.31
C LYS C 15 -19.16 2.97 -16.67
N GLU C 16 -18.64 3.90 -17.48
CA GLU C 16 -17.84 4.98 -16.93
C GLU C 16 -18.68 5.94 -16.09
N HIS C 17 -19.94 6.14 -16.46
CA HIS C 17 -20.81 6.99 -15.64
C HIS C 17 -20.88 6.48 -14.21
N SER C 18 -20.87 5.16 -14.03
CA SER C 18 -20.91 4.56 -12.69
C SER C 18 -19.60 4.73 -11.93
N ILE C 19 -18.52 5.15 -12.61
CA ILE C 19 -17.24 5.39 -11.96
C ILE C 19 -17.05 6.86 -11.64
N ILE C 20 -17.55 7.76 -12.50
CA ILE C 20 -17.40 9.19 -12.25
C ILE C 20 -18.10 9.56 -10.95
N ASP C 21 -17.39 10.27 -10.08
CA ASP C 21 -17.87 10.66 -8.76
C ASP C 21 -16.97 11.79 -8.25
N ASP C 22 -17.14 12.14 -6.97
CA ASP C 22 -16.43 13.25 -6.37
C ASP C 22 -14.92 13.03 -6.33
N ASN C 23 -14.49 11.83 -5.94
CA ASN C 23 -13.06 11.60 -5.86
C ASN C 23 -12.42 11.55 -7.23
N TYR C 24 -13.20 11.29 -8.28
CA TYR C 24 -12.68 11.36 -9.63
C TYR C 24 -12.21 12.78 -9.97
N ILE C 25 -13.07 13.79 -9.78
CA ILE C 25 -12.70 15.16 -10.15
C ILE C 25 -11.54 15.65 -9.30
N LYS C 26 -11.54 15.32 -8.01
CA LYS C 26 -10.39 15.65 -7.19
C LYS C 26 -9.13 14.97 -7.70
N THR C 27 -9.25 13.76 -8.25
CA THR C 27 -8.06 13.12 -8.78
C THR C 27 -7.58 13.87 -10.02
N LEU C 28 -8.50 14.30 -10.89
CA LEU C 28 -8.12 15.13 -12.02
C LEU C 28 -7.42 16.40 -11.57
N LEU C 29 -7.98 17.07 -10.54
CA LEU C 29 -7.34 18.26 -10.01
C LEU C 29 -5.99 17.95 -9.39
N VAL C 30 -5.82 16.77 -8.80
CA VAL C 30 -4.51 16.41 -8.25
C VAL C 30 -3.51 16.21 -9.38
N ILE C 31 -3.93 15.53 -10.44
CA ILE C 31 -3.05 15.33 -11.59
C ILE C 31 -2.71 16.67 -12.23
N LYS C 32 -3.69 17.56 -12.32
CA LYS C 32 -3.45 18.88 -12.89
C LYS C 32 -2.37 19.64 -12.12
N ASN C 33 -2.41 19.59 -10.78
CA ASN C 33 -1.36 20.24 -9.99
C ASN C 33 -0.04 19.51 -10.13
N LEU C 34 -0.06 18.21 -10.40
CA LEU C 34 1.18 17.47 -10.56
C LEU C 34 1.92 17.90 -11.82
N MSE C 35 1.20 18.25 -12.88
CA MSE C 35 1.82 18.68 -14.12
C MSE C 35 2.29 20.12 -14.03
O MSE C 35 3.41 20.42 -14.44
CB MSE C 35 0.84 18.51 -15.28
CG MSE C 35 0.30 17.11 -15.41
SE MSE C 35 -1.03 16.98 -16.86
CE MSE C 35 0.18 17.03 -18.40
N LEU C 36 1.42 21.00 -13.52
CA LEU C 36 1.79 22.36 -13.19
C LEU C 36 3.07 22.41 -12.36
N LYS C 37 3.20 21.48 -11.40
CA LYS C 37 4.30 21.50 -10.45
C LYS C 37 5.64 21.23 -11.15
N ASP C 38 5.68 20.20 -11.98
CA ASP C 38 6.85 19.88 -12.78
C ASP C 38 6.78 20.51 -14.17
N ASN C 39 5.97 21.55 -14.33
CA ASN C 39 5.87 22.36 -15.54
C ASN C 39 5.84 21.49 -16.80
N LEU C 40 4.96 20.49 -16.81
CA LEU C 40 4.73 19.64 -17.98
C LEU C 40 3.45 20.04 -18.70
N ASP C 41 3.46 19.95 -20.03
CA ASP C 41 2.25 19.98 -20.83
C ASP C 41 1.78 18.59 -21.21
N THR C 42 2.56 17.56 -20.93
CA THR C 42 2.27 16.18 -21.30
C THR C 42 2.65 15.24 -20.17
N LEU C 43 1.80 14.25 -19.90
CA LEU C 43 2.07 13.25 -18.88
C LEU C 43 1.80 11.87 -19.46
N ALA C 44 2.76 10.98 -19.31
CA ALA C 44 2.68 9.63 -19.85
C ALA C 44 2.43 8.63 -18.73
N MSE C 45 1.54 7.68 -18.99
CA MSE C 45 1.22 6.64 -18.03
C MSE C 45 2.38 5.67 -17.83
O MSE C 45 2.42 4.61 -18.43
CB MSE C 45 -0.04 5.87 -18.48
CG MSE C 45 -0.54 4.82 -17.49
SE MSE C 45 -0.98 5.53 -15.74
CE MSE C 45 0.35 4.65 -14.64
N VAL C 46 3.32 6.04 -16.96
CA VAL C 46 4.51 5.23 -16.68
C VAL C 46 4.23 4.36 -15.46
N ARG C 47 4.92 3.23 -15.37
CA ARG C 47 4.84 2.45 -14.14
C ARG C 47 5.34 3.28 -12.97
N GLY C 48 4.59 3.29 -11.88
CA GLY C 48 4.88 4.13 -10.75
C GLY C 48 4.18 5.47 -10.76
N LEU C 49 3.46 5.82 -11.82
CA LEU C 49 2.71 7.07 -11.81
C LEU C 49 1.48 6.96 -10.91
N ASN C 50 0.83 5.79 -10.92
CA ASN C 50 -0.31 5.59 -10.05
C ASN C 50 0.09 5.77 -8.61
N VAL C 51 1.32 5.39 -8.26
CA VAL C 51 1.79 5.56 -6.90
C VAL C 51 1.95 7.04 -6.56
N LYS C 52 2.43 7.85 -7.50
CA LYS C 52 2.63 9.25 -7.14
C LYS C 52 1.32 10.03 -7.16
N ILE C 53 0.39 9.69 -8.05
CA ILE C 53 -0.94 10.27 -7.93
C ILE C 53 -1.52 9.96 -6.56
N ARG C 54 -1.42 8.68 -6.16
CA ARG C 54 -1.96 8.23 -4.87
C ARG C 54 -1.36 9.02 -3.71
N LYS C 55 -0.02 9.12 -3.67
CA LYS C 55 0.64 9.91 -2.62
C LYS C 55 0.18 11.35 -2.67
N ALA C 56 0.00 11.89 -3.88
CA ALA C 56 -0.37 13.30 -3.99
C ALA C 56 -1.81 13.53 -3.54
N PHE C 57 -2.69 12.58 -3.86
CA PHE C 57 -4.07 12.69 -3.37
C PHE C 57 -4.11 12.69 -1.85
N LYS C 58 -3.34 11.79 -1.21
CA LYS C 58 -3.31 11.73 0.25
C LYS C 58 -2.82 13.04 0.84
N ALA C 59 -1.72 13.57 0.31
CA ALA C 59 -1.20 14.86 0.75
C ALA C 59 -2.22 15.98 0.56
N THR C 60 -3.07 15.90 -0.46
CA THR C 60 -3.97 17.02 -0.72
C THR C 60 -5.26 16.98 0.10
N TYR C 61 -5.87 15.81 0.25
CA TYR C 61 -7.16 15.71 0.92
C TYR C 61 -7.17 14.93 2.22
N GLY C 62 -6.07 14.28 2.60
CA GLY C 62 -6.00 13.59 3.86
C GLY C 62 -6.39 12.13 3.86
N TYR C 63 -6.97 11.61 2.77
CA TYR C 63 -7.46 10.23 2.74
C TYR C 63 -7.18 9.61 1.37
N ASN C 64 -7.50 8.34 1.21
CA ASN C 64 -7.30 7.64 -0.05
C ASN C 64 -8.48 6.75 -0.36
N TYR C 65 -8.73 6.54 -1.65
CA TYR C 65 -9.49 5.39 -2.11
C TYR C 65 -8.54 4.21 -2.36
N ASN C 66 -9.08 3.04 -2.63
CA ASN C 66 -8.25 1.85 -2.71
C ASN C 66 -7.68 1.67 -4.13
N TYR C 67 -7.03 0.53 -4.37
CA TYR C 67 -6.27 0.36 -5.60
C TYR C 67 -7.20 0.12 -6.80
N ILE C 68 -8.25 -0.67 -6.62
CA ILE C 68 -9.16 -0.92 -7.73
C ILE C 68 -9.80 0.38 -8.20
N LYS C 69 -10.18 1.25 -7.24
CA LYS C 69 -10.78 2.53 -7.61
C LYS C 69 -9.79 3.41 -8.35
N LEU C 70 -8.54 3.45 -7.89
CA LEU C 70 -7.51 4.16 -8.64
C LEU C 70 -7.41 3.61 -10.06
N THR C 71 -7.43 2.28 -10.20
CA THR C 71 -7.35 1.68 -11.52
C THR C 71 -8.51 2.13 -12.39
N GLU C 72 -9.72 2.13 -11.83
CA GLU C 72 -10.88 2.57 -12.61
C GLU C 72 -10.73 4.02 -13.07
N TYR C 73 -10.29 4.93 -12.19
CA TYR C 73 -10.07 6.32 -12.61
C TYR C 73 -9.07 6.42 -13.75
N LEU C 74 -7.89 5.79 -13.59
CA LEU C 74 -6.88 5.86 -14.64
C LEU C 74 -7.36 5.22 -15.94
N SER C 75 -8.21 4.20 -15.87
CA SER C 75 -8.76 3.60 -17.08
C SER C 75 -9.61 4.59 -17.87
N ILE C 76 -10.23 5.55 -17.19
CA ILE C 76 -10.94 6.62 -17.90
C ILE C 76 -9.97 7.70 -18.37
N ILE C 77 -9.01 8.06 -17.53
CA ILE C 77 -8.14 9.19 -17.83
C ILE C 77 -7.11 8.82 -18.88
N PHE C 78 -6.50 7.64 -18.78
CA PHE C 78 -5.57 7.14 -19.79
C PHE C 78 -6.15 5.94 -20.53
#